data_3D8U
#
_entry.id   3D8U
#
_cell.length_a   126.264
_cell.length_b   126.264
_cell.length_c   83.760
_cell.angle_alpha   90.00
_cell.angle_beta   90.00
_cell.angle_gamma   120.00
#
_symmetry.space_group_name_H-M   'P 31 2 1'
#
_entity_poly.entity_id   1
_entity_poly.type   'polypeptide(L)'
_entity_poly.pdbx_seq_one_letter_code
;SNAYSIALIIPSLFEKACAHFLPSFQQALNKAGYQLLLGYSDYSIEQEEKLLSTFLESRPAGVVLFGSEHSQRTHQLLEA
SNTPVLEIAELSSKASYLNIGVDHFEVGKACTRHLIEQGFKNVGFIGARGNHSTLQRQLHGWQSA(MSE)IENYLTPDHF
LTTHEAPSSQLGAEGLAKLLLRDSSLNALVCSHEEIAIGALFECHRRVLKVPTDIAIICLEGSS(MSE)GEHAYPSLTSA
EFDYER(MSE)GTKAAEKLLHAIKGEPEERPTS(MSE)GFKLKRRASTAIN
;
_entity_poly.pdbx_strand_id   A,B
#
# COMPACT_ATOMS: atom_id res chain seq x y z
N TYR A 4 27.32 9.35 -10.71
CA TYR A 4 26.28 10.36 -11.06
C TYR A 4 24.89 9.79 -10.80
N SER A 5 24.68 9.36 -9.55
CA SER A 5 23.42 8.76 -9.11
C SER A 5 23.29 8.73 -7.58
N ILE A 6 22.08 8.95 -7.08
CA ILE A 6 21.85 9.01 -5.63
C ILE A 6 21.09 7.80 -5.10
N ALA A 7 21.16 7.63 -3.79
CA ALA A 7 20.51 6.52 -3.11
C ALA A 7 19.53 7.03 -2.06
N LEU A 8 18.33 6.47 -2.11
CA LEU A 8 17.32 6.64 -1.07
C LEU A 8 17.19 5.31 -0.36
N ILE A 9 16.92 5.34 0.94
CA ILE A 9 16.52 4.11 1.62
C ILE A 9 15.25 4.32 2.44
N ILE A 10 14.37 3.32 2.36
CA ILE A 10 12.98 3.45 2.75
C ILE A 10 12.64 2.61 3.98
N PRO A 11 11.97 3.25 4.99
CA PRO A 11 11.48 2.69 6.26
C PRO A 11 10.45 1.57 6.08
N SER A 12 9.39 1.84 5.32
CA SER A 12 8.40 0.80 5.00
C SER A 12 7.56 1.15 3.78
N LEU A 13 6.82 0.16 3.31
CA LEU A 13 6.14 0.26 2.06
C LEU A 13 4.64 0.39 2.29
N PHE A 14 4.23 0.15 3.54
CA PHE A 14 2.86 0.42 3.94
C PHE A 14 2.68 1.94 4.07
N GLU A 15 3.76 2.62 4.46
CA GLU A 15 3.73 4.05 4.67
C GLU A 15 3.31 4.75 3.41
N LYS A 16 2.17 5.45 3.48
CA LYS A 16 1.60 6.16 2.34
C LYS A 16 2.50 7.32 1.92
N ALA A 17 3.26 7.86 2.88
CA ALA A 17 4.28 8.87 2.60
C ALA A 17 5.19 8.37 1.50
N CYS A 18 5.96 7.32 1.79
CA CYS A 18 6.84 6.63 0.83
C CYS A 18 6.10 6.27 -0.44
N ALA A 19 4.91 5.71 -0.30
CA ALA A 19 4.16 5.22 -1.46
C ALA A 19 4.09 6.30 -2.54
N HIS A 20 3.58 7.48 -2.16
CA HIS A 20 3.27 8.53 -3.13
C HIS A 20 4.42 9.50 -3.38
N PHE A 21 5.56 9.23 -2.77
CA PHE A 21 6.68 10.16 -2.81
C PHE A 21 7.69 9.65 -3.82
N LEU A 22 7.79 8.34 -3.86
CA LEU A 22 8.85 7.67 -4.56
C LEU A 22 8.89 8.06 -6.03
N PRO A 23 7.75 7.90 -6.76
CA PRO A 23 7.87 7.98 -8.22
C PRO A 23 8.30 9.38 -8.62
N SER A 24 7.44 10.35 -8.29
CA SER A 24 7.70 11.75 -8.48
C SER A 24 9.15 12.12 -8.25
N PHE A 25 9.76 11.49 -7.25
CA PHE A 25 11.12 11.78 -6.81
C PHE A 25 12.17 11.39 -7.86
N GLN A 26 12.24 10.10 -8.18
CA GLN A 26 13.24 9.63 -9.14
C GLN A 26 12.88 10.01 -10.57
N GLN A 27 11.61 10.39 -10.75
CA GLN A 27 11.13 10.89 -12.02
C GLN A 27 11.84 12.22 -12.25
N ALA A 28 11.57 13.16 -11.34
CA ALA A 28 12.20 14.47 -11.38
C ALA A 28 13.71 14.33 -11.31
N LEU A 29 14.16 13.32 -10.58
CA LEU A 29 15.59 13.06 -10.43
C LEU A 29 16.21 12.61 -11.75
N ASN A 30 15.47 11.80 -12.49
CA ASN A 30 15.95 11.34 -13.77
C ASN A 30 16.05 12.49 -14.73
N LYS A 31 14.96 13.25 -14.85
CA LYS A 31 14.91 14.42 -15.73
C LYS A 31 16.21 15.19 -15.63
N ALA A 32 16.79 15.26 -14.43
CA ALA A 32 18.05 15.97 -14.24
C ALA A 32 19.23 15.05 -13.90
N GLY A 33 19.52 14.11 -14.79
CA GLY A 33 20.79 13.39 -14.78
C GLY A 33 20.90 12.15 -13.90
N TYR A 34 20.66 12.33 -12.61
CA TYR A 34 21.01 11.29 -11.64
C TYR A 34 20.02 10.13 -11.63
N GLN A 35 20.55 8.93 -11.42
CA GLN A 35 19.74 7.72 -11.24
C GLN A 35 19.47 7.44 -9.75
N LEU A 36 18.61 6.45 -9.46
CA LEU A 36 18.21 6.10 -8.09
C LEU A 36 18.44 4.63 -7.72
N LEU A 37 19.45 4.38 -6.89
CA LEU A 37 19.72 3.04 -6.39
C LEU A 37 19.23 2.94 -4.94
N LEU A 38 17.96 2.57 -4.78
CA LEU A 38 17.31 2.67 -3.47
C LEU A 38 17.46 1.41 -2.62
N GLY A 39 17.22 1.54 -1.32
CA GLY A 39 17.32 0.43 -0.39
C GLY A 39 16.19 0.33 0.62
N TYR A 40 15.96 -0.87 1.14
CA TYR A 40 14.83 -1.11 2.03
C TYR A 40 15.25 -1.55 3.42
N SER A 41 14.84 -0.77 4.42
CA SER A 41 15.29 -0.98 5.81
C SER A 41 14.41 -1.89 6.65
N ASP A 42 13.12 -1.94 6.31
CA ASP A 42 12.10 -2.66 7.09
C ASP A 42 11.99 -2.11 8.52
N TYR A 43 12.26 -0.81 8.65
CA TYR A 43 12.33 -0.10 9.93
C TYR A 43 13.63 -0.33 10.71
N SER A 44 14.52 -1.17 10.19
CA SER A 44 15.73 -1.54 10.90
C SER A 44 16.82 -0.50 10.76
N ILE A 45 17.19 0.11 11.88
CA ILE A 45 18.37 0.96 11.98
C ILE A 45 19.61 0.17 11.51
N GLU A 46 19.84 -1.03 12.07
CA GLU A 46 20.94 -1.91 11.61
C GLU A 46 20.98 -2.07 10.09
N GLN A 47 19.82 -2.39 9.53
CA GLN A 47 19.63 -2.58 8.08
C GLN A 47 19.89 -1.29 7.31
N GLU A 48 19.41 -0.17 7.85
CA GLU A 48 19.67 1.14 7.28
C GLU A 48 21.16 1.29 7.00
N GLU A 49 21.96 0.82 7.93
CA GLU A 49 23.39 0.94 7.86
C GLU A 49 24.01 0.02 6.83
N LYS A 50 23.84 -1.29 7.01
CA LYS A 50 24.26 -2.30 6.02
C LYS A 50 24.01 -1.86 4.57
N LEU A 51 22.74 -1.57 4.27
CA LEU A 51 22.37 -0.93 3.01
C LEU A 51 23.22 0.33 2.76
N LEU A 52 23.05 1.34 3.63
CA LEU A 52 23.80 2.58 3.52
C LEU A 52 25.26 2.29 3.13
N SER A 53 25.93 1.48 3.95
CA SER A 53 27.37 1.21 3.81
C SER A 53 27.76 0.80 2.40
N THR A 54 27.09 -0.23 1.87
CA THR A 54 27.51 -0.81 0.60
C THR A 54 27.22 0.08 -0.61
N PHE A 55 26.23 0.97 -0.51
CA PHE A 55 25.99 1.95 -1.58
C PHE A 55 27.16 2.93 -1.68
N LEU A 56 27.71 3.32 -0.54
CA LEU A 56 28.83 4.26 -0.47
C LEU A 56 30.09 3.77 -1.17
N GLU A 57 30.23 2.44 -1.26
CA GLU A 57 31.33 1.77 -2.00
C GLU A 57 31.44 2.25 -3.45
N SER A 58 30.32 2.71 -4.00
CA SER A 58 30.30 3.49 -5.25
C SER A 58 30.00 4.95 -4.90
N ARG A 59 30.99 5.82 -5.10
CA ARG A 59 30.89 7.25 -4.75
C ARG A 59 29.59 7.90 -5.27
N PRO A 60 28.58 8.04 -4.39
CA PRO A 60 27.21 8.37 -4.83
C PRO A 60 26.85 9.87 -4.88
N ALA A 61 27.53 10.68 -4.06
CA ALA A 61 27.29 12.15 -3.95
C ALA A 61 25.81 12.58 -3.96
N GLY A 62 25.15 12.40 -2.82
CA GLY A 62 23.70 12.64 -2.70
C GLY A 62 22.94 11.44 -2.13
N VAL A 63 22.25 11.66 -1.00
CA VAL A 63 21.57 10.57 -0.27
C VAL A 63 20.41 11.03 0.62
N VAL A 64 19.26 10.36 0.52
CA VAL A 64 18.06 10.68 1.33
C VAL A 64 17.55 9.55 2.23
N LEU A 65 17.24 9.92 3.46
CA LEU A 65 16.70 8.97 4.43
C LEU A 65 15.55 9.52 5.25
N PHE A 66 14.74 8.61 5.80
CA PHE A 66 13.56 8.97 6.58
C PHE A 66 13.84 8.85 8.05
N GLY A 67 13.34 9.80 8.83
CA GLY A 67 13.52 9.77 10.29
C GLY A 67 14.80 10.44 10.75
N SER A 68 14.92 10.62 12.06
CA SER A 68 16.08 11.26 12.70
C SER A 68 16.94 10.19 13.39
N GLU A 69 16.29 9.09 13.76
CA GLU A 69 16.93 7.92 14.33
C GLU A 69 17.86 7.19 13.34
N HIS A 70 19.16 7.33 13.54
CA HIS A 70 20.16 6.59 12.78
C HIS A 70 21.29 6.14 13.74
N SER A 71 22.02 5.10 13.36
CA SER A 71 23.12 4.62 14.19
C SER A 71 24.28 5.61 14.08
N GLN A 72 24.96 5.90 15.20
CA GLN A 72 26.15 6.75 15.15
C GLN A 72 27.20 6.12 14.26
N ARG A 73 27.22 4.78 14.25
CA ARG A 73 28.11 3.98 13.41
C ARG A 73 27.83 4.05 11.90
N THR A 74 27.25 5.16 11.44
CA THR A 74 26.90 5.37 10.04
C THR A 74 26.72 6.85 9.72
N HIS A 75 26.40 7.63 10.76
CA HIS A 75 26.31 9.08 10.68
C HIS A 75 27.61 9.64 10.12
N GLN A 76 28.71 9.26 10.76
CA GLN A 76 29.99 9.84 10.43
C GLN A 76 30.67 9.10 9.26
N LEU A 77 29.92 8.23 8.60
CA LEU A 77 30.29 7.72 7.29
C LEU A 77 29.82 8.72 6.23
N LEU A 78 28.53 9.06 6.31
CA LEU A 78 27.94 10.12 5.49
C LEU A 78 28.56 11.51 5.83
N GLU A 79 28.51 11.91 7.10
CA GLU A 79 29.23 13.12 7.55
C GLU A 79 30.74 12.89 7.61
N ALA A 80 31.21 12.01 6.72
CA ALA A 80 32.64 11.80 6.50
C ALA A 80 32.90 11.82 5.00
N SER A 81 32.43 10.80 4.29
CA SER A 81 32.52 10.75 2.83
C SER A 81 31.83 11.98 2.22
N ASN A 82 31.34 12.85 3.11
CA ASN A 82 30.77 14.16 2.80
C ASN A 82 30.01 14.22 1.46
N THR A 83 29.04 13.34 1.31
CA THR A 83 28.06 13.44 0.22
C THR A 83 26.85 14.13 0.85
N PRO A 84 26.18 15.02 0.09
CA PRO A 84 25.00 15.73 0.63
C PRO A 84 23.78 14.83 0.97
N VAL A 85 23.16 15.09 2.13
CA VAL A 85 22.12 14.22 2.68
C VAL A 85 20.87 14.96 3.14
N LEU A 86 19.73 14.52 2.63
CA LEU A 86 18.45 15.01 3.10
C LEU A 86 17.82 14.01 4.09
N GLU A 87 17.14 14.56 5.09
CA GLU A 87 16.33 13.78 5.98
C GLU A 87 14.88 14.23 5.81
N ILE A 88 13.97 13.29 5.54
CA ILE A 88 12.55 13.60 5.65
C ILE A 88 12.06 13.16 7.03
N ALA A 89 11.67 14.17 7.81
CA ALA A 89 11.37 14.05 9.25
C ALA A 89 11.25 15.48 9.75
N GLU A 90 10.77 15.67 10.96
CA GLU A 90 10.71 17.02 11.50
C GLU A 90 12.05 17.42 12.11
N LEU A 91 12.63 16.52 12.88
CA LEU A 91 13.91 16.76 13.54
C LEU A 91 15.04 16.34 12.62
N SER A 92 15.96 17.25 12.33
CA SER A 92 17.16 16.87 11.60
C SER A 92 18.26 16.50 12.58
N SER A 93 18.89 15.34 12.37
CA SER A 93 19.85 14.75 13.31
C SER A 93 21.25 15.35 13.30
N LYS A 94 21.73 15.81 12.14
CA LYS A 94 23.00 16.53 12.08
C LYS A 94 22.79 18.00 11.75
N ALA A 95 21.73 18.29 11.00
CA ALA A 95 21.26 19.68 10.74
C ALA A 95 22.26 20.59 10.00
N SER A 96 23.45 20.05 9.68
CA SER A 96 24.25 20.58 8.58
C SER A 96 23.62 20.03 7.30
N TYR A 97 23.14 18.79 7.34
CA TYR A 97 22.37 18.28 6.21
C TYR A 97 20.90 18.69 6.15
N LEU A 98 20.37 18.59 4.93
CA LEU A 98 19.12 19.22 4.51
C LEU A 98 17.93 18.52 5.12
N ASN A 99 16.78 19.17 5.03
CA ASN A 99 15.57 18.65 5.66
C ASN A 99 14.25 19.05 5.04
N ILE A 100 13.35 18.07 4.98
CA ILE A 100 11.95 18.27 4.66
C ILE A 100 11.14 17.39 5.62
N GLY A 101 10.26 18.02 6.38
CA GLY A 101 9.40 17.31 7.34
C GLY A 101 8.11 18.04 7.63
N VAL A 102 7.15 17.31 8.21
CA VAL A 102 5.84 17.88 8.46
C VAL A 102 5.64 18.04 9.96
N ASP A 103 4.82 19.01 10.34
CA ASP A 103 4.47 19.20 11.73
C ASP A 103 3.20 18.38 12.03
N HIS A 104 3.35 17.29 12.78
CA HIS A 104 2.23 16.40 13.02
C HIS A 104 1.43 16.93 14.15
N PHE A 105 2.13 17.53 15.10
CA PHE A 105 1.47 18.19 16.18
C PHE A 105 0.40 19.11 15.59
N GLU A 106 0.80 19.99 14.68
CA GLU A 106 -0.17 20.88 14.02
C GLU A 106 -1.30 20.11 13.32
N VAL A 107 -0.95 19.11 12.52
CA VAL A 107 -1.96 18.23 11.94
C VAL A 107 -2.94 17.69 12.98
N GLY A 108 -2.42 17.14 14.08
CA GLY A 108 -3.27 16.61 15.16
C GLY A 108 -4.16 17.69 15.78
N LYS A 109 -3.57 18.86 16.00
CA LYS A 109 -4.28 19.99 16.55
C LYS A 109 -5.34 20.49 15.58
N ALA A 110 -4.96 20.84 14.38
CA ALA A 110 -5.92 21.48 13.49
C ALA A 110 -7.14 20.57 13.36
N CYS A 111 -6.87 19.27 13.36
CA CYS A 111 -7.89 18.31 13.07
C CYS A 111 -8.83 18.18 14.22
N THR A 112 -8.30 18.12 15.44
CA THR A 112 -9.24 18.05 16.55
C THR A 112 -9.87 19.42 16.79
N ARG A 113 -9.10 20.49 16.56
CA ARG A 113 -9.67 21.85 16.50
C ARG A 113 -10.95 21.83 15.63
N HIS A 114 -10.84 21.26 14.43
CA HIS A 114 -11.97 21.27 13.54
C HIS A 114 -13.23 20.60 14.10
N LEU A 115 -13.09 19.40 14.67
CA LEU A 115 -14.20 18.78 15.39
C LEU A 115 -14.77 19.71 16.49
N ILE A 116 -13.91 20.44 17.16
CA ILE A 116 -14.40 21.18 18.28
C ILE A 116 -15.25 22.35 17.84
N GLU A 117 -14.76 23.07 16.83
CA GLU A 117 -15.52 24.20 16.32
C GLU A 117 -16.64 23.66 15.50
N GLN A 118 -16.96 22.39 15.73
CA GLN A 118 -18.01 21.77 15.00
C GLN A 118 -19.13 21.33 15.90
N GLY A 119 -19.01 21.62 17.18
CA GLY A 119 -20.01 21.20 18.13
C GLY A 119 -19.76 19.78 18.58
N PHE A 120 -18.65 19.20 18.12
CA PHE A 120 -18.28 17.85 18.47
C PHE A 120 -17.25 17.91 19.56
N LYS A 121 -17.71 18.01 20.79
CA LYS A 121 -16.79 18.27 21.87
C LYS A 121 -16.20 17.04 22.60
N ASN A 122 -16.82 15.87 22.51
CA ASN A 122 -16.31 14.67 23.19
C ASN A 122 -15.50 13.74 22.27
N VAL A 123 -14.19 14.03 22.18
CA VAL A 123 -13.33 13.54 21.11
C VAL A 123 -12.35 12.49 21.60
N GLY A 124 -12.50 11.27 21.09
CA GLY A 124 -11.57 10.24 21.42
C GLY A 124 -10.55 10.13 20.33
N PHE A 125 -9.46 9.45 20.60
CA PHE A 125 -8.35 9.40 19.66
C PHE A 125 -7.91 7.97 19.53
N ILE A 126 -8.02 7.43 18.31
CA ILE A 126 -7.45 6.10 18.02
C ILE A 126 -6.20 6.16 17.11
N GLY A 127 -5.10 5.59 17.60
CA GLY A 127 -3.86 5.66 16.86
C GLY A 127 -3.02 4.42 16.75
N ALA A 128 -2.34 4.33 15.62
CA ALA A 128 -1.45 3.19 15.39
C ALA A 128 -0.02 3.65 15.23
N ARG A 129 0.88 2.67 15.28
CA ARG A 129 2.24 2.86 14.77
C ARG A 129 3.06 3.59 15.80
N GLY A 130 2.47 3.82 16.99
CA GLY A 130 3.12 4.49 18.14
C GLY A 130 4.48 3.88 18.40
N ASN A 131 5.17 4.35 19.44
CA ASN A 131 6.57 3.97 19.59
C ASN A 131 7.37 4.73 18.55
N HIS A 132 6.67 5.48 17.70
CA HIS A 132 7.28 6.24 16.61
C HIS A 132 7.02 7.68 16.93
N SER A 133 8.02 8.53 16.70
CA SER A 133 7.90 9.95 17.06
C SER A 133 6.64 10.64 16.54
N THR A 134 6.16 10.26 15.36
CA THR A 134 5.02 11.00 14.78
C THR A 134 3.70 10.83 15.53
N LEU A 135 3.39 9.64 15.98
CA LEU A 135 2.16 9.45 16.74
C LEU A 135 2.14 10.18 18.06
N GLN A 136 3.28 10.30 18.73
CA GLN A 136 3.24 10.96 20.03
C GLN A 136 2.91 12.42 19.84
N ARG A 137 3.30 12.95 18.70
CA ARG A 137 3.07 14.34 18.36
C ARG A 137 1.65 14.57 17.95
N GLN A 138 1.02 13.56 17.37
CA GLN A 138 -0.37 13.65 16.99
C GLN A 138 -1.28 13.66 18.19
N LEU A 139 -1.08 12.67 19.06
CA LEU A 139 -1.65 12.65 20.39
C LEU A 139 -1.52 14.00 21.07
N HIS A 140 -0.32 14.57 21.02
CA HIS A 140 -0.06 15.72 21.85
C HIS A 140 -0.83 16.88 21.30
N GLY A 141 -0.82 17.00 19.97
CA GLY A 141 -1.58 18.02 19.29
C GLY A 141 -3.04 17.90 19.63
N TRP A 142 -3.53 16.68 19.76
CA TRP A 142 -4.91 16.44 20.08
C TRP A 142 -5.16 16.90 21.49
N GLN A 143 -4.31 16.45 22.39
CA GLN A 143 -4.44 16.75 23.81
C GLN A 143 -4.41 18.24 23.98
N SER A 144 -3.60 18.91 23.17
CA SER A 144 -3.53 20.36 23.20
C SER A 144 -4.82 21.05 22.77
N ALA A 145 -5.34 20.64 21.61
CA ALA A 145 -6.54 21.24 21.04
C ALA A 145 -7.71 21.13 22.00
N MSE A 146 -7.74 20.03 22.73
CA MSE A 146 -8.76 19.77 23.73
C MSE A 146 -8.62 20.79 24.85
O MSE A 146 -9.50 21.64 25.01
CB MSE A 146 -8.65 18.35 24.28
CG MSE A 146 -8.97 17.24 23.28
SE MSE A 146 -10.87 17.18 22.74
CE MSE A 146 -11.53 15.87 24.03
N ILE A 147 -7.50 20.74 25.55
CA ILE A 147 -7.31 21.58 26.72
C ILE A 147 -7.55 23.02 26.41
N GLU A 148 -6.89 23.51 25.37
CA GLU A 148 -7.09 24.87 24.82
C GLU A 148 -8.56 25.25 24.94
N ASN A 149 -9.42 24.28 24.69
CA ASN A 149 -10.86 24.49 24.73
C ASN A 149 -11.57 24.10 26.04
N TYR A 150 -10.88 24.06 27.16
CA TYR A 150 -11.45 23.55 28.42
C TYR A 150 -12.06 22.14 28.36
N LEU A 151 -11.48 21.24 27.58
CA LEU A 151 -12.02 19.89 27.47
C LEU A 151 -10.99 18.86 27.87
N THR A 152 -11.42 17.76 28.48
CA THR A 152 -10.48 16.78 29.01
C THR A 152 -10.08 15.72 27.98
N PRO A 153 -8.77 15.51 27.78
CA PRO A 153 -8.36 14.50 26.81
C PRO A 153 -8.31 13.10 27.49
N ASP A 154 -9.48 12.53 27.75
CA ASP A 154 -9.56 11.23 28.44
C ASP A 154 -9.45 10.04 27.47
N HIS A 155 -10.04 10.15 26.30
CA HIS A 155 -10.28 8.95 25.54
C HIS A 155 -9.37 8.78 24.36
N PHE A 156 -8.26 8.10 24.58
CA PHE A 156 -7.43 7.65 23.48
C PHE A 156 -6.99 6.19 23.67
N LEU A 157 -6.75 5.54 22.56
CA LEU A 157 -6.27 4.19 22.58
C LEU A 157 -5.20 4.14 21.51
N THR A 158 -4.13 3.37 21.71
CA THR A 158 -3.08 3.19 20.70
C THR A 158 -2.38 1.80 20.74
N THR A 159 -1.64 1.48 19.67
CA THR A 159 -0.64 0.39 19.68
C THR A 159 0.63 0.77 18.95
N HIS A 160 1.63 -0.06 19.22
CA HIS A 160 2.88 -0.05 18.52
C HIS A 160 2.70 -0.79 17.17
N GLU A 161 1.69 -1.64 17.05
CA GLU A 161 1.41 -2.25 15.76
C GLU A 161 0.93 -1.29 14.63
N ALA A 162 0.82 -1.84 13.42
CA ALA A 162 0.48 -1.12 12.21
C ALA A 162 -1.02 -0.82 12.13
N PRO A 163 -1.39 0.28 11.47
CA PRO A 163 -2.78 0.70 11.36
C PRO A 163 -3.63 -0.37 10.71
N SER A 164 -4.71 -0.79 11.35
CA SER A 164 -5.62 -1.78 10.75
C SER A 164 -7.09 -1.41 11.02
N SER A 165 -7.98 -1.76 10.11
CA SER A 165 -9.40 -1.51 10.32
C SER A 165 -9.94 -2.21 11.58
N GLN A 166 -9.52 -3.46 11.80
CA GLN A 166 -9.84 -4.15 13.05
C GLN A 166 -9.61 -3.22 14.24
N LEU A 167 -8.41 -2.65 14.30
CA LEU A 167 -8.06 -1.67 15.33
C LEU A 167 -9.13 -0.60 15.42
N GLY A 168 -9.47 -0.03 14.27
CA GLY A 168 -10.38 1.12 14.19
C GLY A 168 -11.69 0.66 14.78
N ALA A 169 -12.15 -0.51 14.38
CA ALA A 169 -13.45 -1.02 14.84
C ALA A 169 -13.41 -1.38 16.32
N GLU A 170 -12.43 -2.17 16.73
CA GLU A 170 -12.32 -2.56 18.13
C GLU A 170 -12.00 -1.37 19.04
N GLY A 171 -11.27 -0.38 18.53
CA GLY A 171 -11.02 0.85 19.27
C GLY A 171 -12.32 1.59 19.61
N LEU A 172 -13.15 1.85 18.59
CA LEU A 172 -14.43 2.49 18.83
C LEU A 172 -15.21 1.73 19.89
N ALA A 173 -15.35 0.42 19.72
CA ALA A 173 -16.06 -0.45 20.65
C ALA A 173 -15.54 -0.22 22.07
N LYS A 174 -14.23 -0.24 22.22
CA LYS A 174 -13.63 -0.16 23.51
C LYS A 174 -13.97 1.23 24.08
N LEU A 175 -13.99 2.24 23.20
CA LEU A 175 -14.24 3.62 23.61
C LEU A 175 -15.68 3.85 24.05
N LEU A 176 -16.64 3.47 23.20
CA LEU A 176 -18.07 3.65 23.53
C LEU A 176 -18.40 2.99 24.85
N LEU A 177 -17.69 1.92 25.16
CA LEU A 177 -17.95 1.10 26.32
C LEU A 177 -17.43 1.77 27.58
N ARG A 178 -16.60 2.77 27.40
CA ARG A 178 -16.11 3.57 28.49
C ARG A 178 -17.04 4.75 28.64
N ASP A 179 -17.39 5.36 27.52
CA ASP A 179 -18.17 6.60 27.49
C ASP A 179 -19.12 6.53 26.33
N SER A 180 -20.40 6.30 26.62
CA SER A 180 -21.36 6.17 25.54
C SER A 180 -21.60 7.53 24.89
N SER A 181 -21.21 8.59 25.56
CA SER A 181 -21.45 9.93 25.02
C SER A 181 -20.41 10.35 24.00
N LEU A 182 -19.37 9.55 23.79
CA LEU A 182 -18.36 9.89 22.78
C LEU A 182 -19.03 10.26 21.45
N ASN A 183 -18.70 11.43 20.89
CA ASN A 183 -19.36 11.82 19.62
C ASN A 183 -18.48 12.35 18.49
N ALA A 184 -17.19 12.08 18.59
CA ALA A 184 -16.25 12.41 17.55
C ALA A 184 -15.08 11.46 17.73
N LEU A 185 -14.34 11.23 16.65
CA LEU A 185 -13.22 10.31 16.73
C LEU A 185 -12.10 10.76 15.81
N VAL A 186 -10.88 10.87 16.34
CA VAL A 186 -9.68 11.19 15.54
C VAL A 186 -8.97 9.89 15.22
N CYS A 187 -8.43 9.78 14.02
CA CYS A 187 -7.78 8.54 13.62
C CYS A 187 -6.44 8.82 12.99
N SER A 188 -5.40 8.16 13.51
CA SER A 188 -4.04 8.44 13.05
C SER A 188 -3.81 8.06 11.60
N HIS A 189 -4.44 6.96 11.17
CA HIS A 189 -4.26 6.43 9.82
C HIS A 189 -5.59 6.03 9.24
N GLU A 190 -5.69 6.15 7.91
CA GLU A 190 -6.88 5.85 7.12
C GLU A 190 -7.52 4.46 7.27
N GLU A 191 -6.70 3.42 7.40
CA GLU A 191 -7.21 2.08 7.72
C GLU A 191 -8.06 2.08 9.03
N ILE A 192 -7.59 2.77 10.06
CA ILE A 192 -8.33 2.86 11.33
C ILE A 192 -9.71 3.54 11.13
N ALA A 193 -9.72 4.61 10.34
CA ALA A 193 -10.95 5.34 10.10
C ALA A 193 -11.97 4.46 9.40
N ILE A 194 -11.52 3.62 8.47
CA ILE A 194 -12.46 2.83 7.70
C ILE A 194 -13.10 1.77 8.59
N GLY A 195 -12.30 1.14 9.47
CA GLY A 195 -12.79 0.17 10.44
C GLY A 195 -13.85 0.85 11.27
N ALA A 196 -13.44 1.90 11.96
CA ALA A 196 -14.36 2.75 12.70
C ALA A 196 -15.67 3.07 11.91
N LEU A 197 -15.54 3.30 10.61
CA LEU A 197 -16.67 3.68 9.84
C LEU A 197 -17.66 2.52 9.73
N PHE A 198 -17.16 1.40 9.25
CA PHE A 198 -17.86 0.14 9.31
C PHE A 198 -18.41 -0.24 10.69
N GLU A 199 -17.64 0.00 11.77
CA GLU A 199 -18.16 -0.21 13.12
C GLU A 199 -19.51 0.50 13.28
N CYS A 200 -19.50 1.79 12.98
CA CYS A 200 -20.72 2.60 12.94
C CYS A 200 -21.89 1.99 12.18
N HIS A 201 -21.61 1.38 11.03
CA HIS A 201 -22.71 0.82 10.28
C HIS A 201 -23.27 -0.33 11.09
N ARG A 202 -22.39 -1.20 11.57
CA ARG A 202 -22.76 -2.39 12.35
C ARG A 202 -23.61 -1.99 13.54
N ARG A 203 -23.36 -0.80 14.03
CA ARG A 203 -23.95 -0.38 15.27
C ARG A 203 -25.13 0.50 15.01
N VAL A 204 -25.43 0.66 13.73
CA VAL A 204 -26.48 1.57 13.32
C VAL A 204 -26.23 2.91 14.02
N LEU A 205 -25.05 3.47 13.85
CA LEU A 205 -24.75 4.66 14.62
C LEU A 205 -24.39 5.81 13.69
N LYS A 206 -25.38 6.65 13.36
CA LYS A 206 -25.27 7.59 12.26
C LYS A 206 -23.99 8.36 12.36
N VAL A 207 -23.37 8.67 11.22
CA VAL A 207 -22.20 9.56 11.24
C VAL A 207 -22.39 10.69 10.23
N PRO A 208 -22.38 11.96 10.66
CA PRO A 208 -21.81 12.53 11.88
C PRO A 208 -22.74 12.78 13.07
N THR A 209 -24.03 12.57 12.90
CA THR A 209 -25.01 12.97 13.92
C THR A 209 -24.91 12.14 15.18
N ASP A 210 -24.42 10.92 15.09
CA ASP A 210 -24.13 10.20 16.32
C ASP A 210 -22.63 10.32 16.60
N ILE A 211 -21.84 10.23 15.54
CA ILE A 211 -20.41 10.36 15.65
C ILE A 211 -19.79 11.06 14.43
N ALA A 212 -19.01 12.09 14.70
CA ALA A 212 -18.10 12.64 13.70
C ALA A 212 -16.80 11.82 13.64
N ILE A 213 -16.11 11.84 12.50
CA ILE A 213 -14.87 11.06 12.31
C ILE A 213 -13.91 11.86 11.47
N ILE A 214 -12.63 11.80 11.79
CA ILE A 214 -11.60 12.50 11.03
C ILE A 214 -10.25 11.76 10.93
N CYS A 215 -9.64 11.78 9.76
CA CYS A 215 -8.37 11.12 9.54
C CYS A 215 -7.17 12.07 9.47
N LEU A 216 -6.05 11.67 10.07
CA LEU A 216 -4.80 12.45 10.08
C LEU A 216 -3.82 12.27 8.90
N GLU A 217 -4.05 11.28 8.03
CA GLU A 217 -3.18 11.10 6.88
C GLU A 217 -3.99 10.36 5.86
N GLY A 218 -4.79 11.11 5.11
CA GLY A 218 -5.77 10.51 4.19
C GLY A 218 -5.50 10.51 2.68
N SER A 219 -6.31 9.74 1.96
CA SER A 219 -6.14 9.51 0.53
C SER A 219 -7.48 9.16 -0.08
N SER A 220 -7.48 9.07 -1.40
CA SER A 220 -8.60 8.60 -2.22
C SER A 220 -9.49 7.52 -1.62
N MSE A 221 -9.02 6.82 -0.61
CA MSE A 221 -9.85 5.79 -0.03
C MSE A 221 -10.96 6.31 0.85
O MSE A 221 -12.13 5.94 0.67
CB MSE A 221 -9.02 4.77 0.70
CG MSE A 221 -8.96 3.49 -0.05
SE MSE A 221 -9.56 2.09 1.16
CE MSE A 221 -9.04 2.90 2.88
N GLY A 222 -10.60 7.17 1.79
CA GLY A 222 -11.59 7.81 2.63
C GLY A 222 -12.37 8.84 1.83
N GLU A 223 -11.75 9.35 0.78
CA GLU A 223 -12.41 10.23 -0.15
C GLU A 223 -13.75 9.65 -0.53
N HIS A 224 -13.76 8.38 -0.90
CA HIS A 224 -14.97 7.78 -1.42
C HIS A 224 -15.61 6.73 -0.55
N ALA A 225 -15.37 6.82 0.75
CA ALA A 225 -16.16 6.09 1.76
C ALA A 225 -17.55 6.78 1.99
N TYR A 226 -18.42 6.10 2.76
CA TYR A 226 -19.75 6.64 3.09
C TYR A 226 -20.15 6.48 4.55
N PRO A 227 -20.41 7.60 5.23
CA PRO A 227 -20.19 8.95 4.75
C PRO A 227 -18.75 9.22 4.37
N SER A 228 -18.51 10.07 3.39
CA SER A 228 -17.14 10.32 2.97
C SER A 228 -16.30 10.51 4.21
N LEU A 229 -15.01 10.77 4.07
CA LEU A 229 -14.15 10.93 5.22
C LEU A 229 -13.40 12.24 5.19
N THR A 230 -13.55 13.02 6.24
CA THR A 230 -12.83 14.29 6.36
C THR A 230 -11.40 13.97 6.80
N SER A 231 -10.42 14.40 6.00
CA SER A 231 -9.06 14.04 6.31
C SER A 231 -8.08 15.17 6.09
N ALA A 232 -6.93 15.06 6.77
CA ALA A 232 -5.79 15.92 6.53
C ALA A 232 -4.96 15.31 5.42
N GLU A 233 -4.64 16.07 4.40
CA GLU A 233 -4.15 15.51 3.15
C GLU A 233 -2.86 16.15 2.69
N PHE A 234 -1.93 15.32 2.23
CA PHE A 234 -0.58 15.80 1.89
C PHE A 234 -0.16 15.62 0.41
N ASP A 235 0.81 16.42 -0.01
CA ASP A 235 1.31 16.37 -1.37
C ASP A 235 2.66 15.66 -1.39
N TYR A 236 2.60 14.35 -1.44
CA TYR A 236 3.79 13.52 -1.38
C TYR A 236 4.54 13.47 -2.72
N GLU A 237 3.85 13.92 -3.77
CA GLU A 237 4.44 14.09 -5.08
C GLU A 237 5.16 15.43 -5.13
N ARG A 238 4.48 16.48 -4.65
CA ARG A 238 5.12 17.79 -4.53
C ARG A 238 6.35 17.65 -3.67
N MSE A 239 6.20 16.96 -2.54
CA MSE A 239 7.33 16.59 -1.73
C MSE A 239 8.33 15.82 -2.62
O MSE A 239 9.47 16.24 -2.76
CB MSE A 239 6.90 15.76 -0.53
CG MSE A 239 7.98 15.66 0.54
SE MSE A 239 7.52 14.56 2.09
CE MSE A 239 7.41 12.83 1.21
N GLY A 240 7.87 14.73 -3.24
CA GLY A 240 8.74 13.89 -4.07
C GLY A 240 9.68 14.74 -4.89
N THR A 241 9.07 15.64 -5.67
CA THR A 241 9.78 16.65 -6.45
C THR A 241 10.64 17.54 -5.56
N LYS A 242 10.03 18.34 -4.69
CA LYS A 242 10.72 19.41 -3.95
C LYS A 242 11.89 18.89 -3.13
N ALA A 243 12.02 17.57 -3.02
CA ALA A 243 13.14 16.95 -2.33
C ALA A 243 14.34 16.94 -3.25
N ALA A 244 14.18 16.34 -4.42
CA ALA A 244 15.25 16.28 -5.40
C ALA A 244 15.89 17.65 -5.64
N GLU A 245 15.05 18.63 -5.99
CA GLU A 245 15.48 20.01 -6.22
C GLU A 245 16.43 20.46 -5.13
N LYS A 246 16.02 20.22 -3.88
CA LYS A 246 16.85 20.54 -2.72
C LYS A 246 18.22 19.89 -2.84
N LEU A 247 18.25 18.56 -3.00
CA LEU A 247 19.51 17.85 -3.12
C LEU A 247 20.33 18.34 -4.29
N LEU A 248 19.69 18.51 -5.44
CA LEU A 248 20.37 19.02 -6.64
C LEU A 248 20.90 20.44 -6.46
N HIS A 249 20.09 21.32 -5.87
CA HIS A 249 20.55 22.66 -5.53
C HIS A 249 21.76 22.56 -4.62
N ALA A 250 21.77 21.56 -3.76
CA ALA A 250 22.90 21.35 -2.85
C ALA A 250 24.13 20.76 -3.55
N ILE A 251 23.96 19.67 -4.29
CA ILE A 251 25.10 18.91 -4.83
C ILE A 251 26.24 19.84 -5.30
N LYS A 252 25.85 20.92 -5.97
CA LYS A 252 26.74 22.06 -6.22
C LYS A 252 25.86 23.30 -6.31
N GLY A 253 26.17 24.32 -5.50
CA GLY A 253 25.39 25.55 -5.43
C GLY A 253 25.06 26.00 -4.01
N GLU A 254 24.23 27.04 -3.89
CA GLU A 254 23.86 27.61 -2.59
C GLU A 254 23.03 26.63 -1.76
N SER A 261 8.50 22.58 6.80
CA SER A 261 7.48 23.60 6.55
C SER A 261 6.59 23.23 5.35
N MSE A 262 6.39 21.92 5.16
CA MSE A 262 5.41 21.41 4.21
C MSE A 262 4.06 21.44 4.92
O MSE A 262 3.95 20.99 6.07
CB MSE A 262 5.83 19.98 3.79
CG MSE A 262 4.70 18.97 3.49
SE MSE A 262 5.37 17.30 2.65
CE MSE A 262 3.77 16.19 2.72
N GLY A 263 3.05 21.99 4.25
CA GLY A 263 1.70 22.07 4.83
C GLY A 263 0.78 20.90 4.48
N PHE A 264 -0.52 21.15 4.62
CA PHE A 264 -1.55 20.18 4.26
C PHE A 264 -2.89 20.90 4.15
N LYS A 265 -3.63 20.55 3.11
CA LYS A 265 -5.03 20.96 3.02
C LYS A 265 -5.78 20.05 3.99
N LEU A 266 -6.78 20.60 4.68
CA LEU A 266 -7.63 19.76 5.52
C LEU A 266 -9.01 19.62 4.87
N LYS A 267 -9.15 18.61 4.02
CA LYS A 267 -10.38 18.32 3.27
C LYS A 267 -11.68 18.08 4.05
N ARG A 268 -12.52 19.10 4.09
CA ARG A 268 -13.87 19.05 4.69
C ARG A 268 -14.82 18.19 3.85
N ARG A 269 -15.31 17.09 4.44
CA ARG A 269 -16.14 16.09 3.73
C ARG A 269 -17.38 15.74 4.55
N ALA A 270 -18.08 14.63 4.23
CA ALA A 270 -19.34 14.31 4.91
C ALA A 270 -19.25 14.02 6.45
N SER A 271 -18.29 13.18 6.89
CA SER A 271 -18.19 12.84 8.33
C SER A 271 -18.00 14.02 9.31
N THR A 272 -18.25 15.24 8.78
CA THR A 272 -18.43 16.50 9.57
C THR A 272 -19.39 17.52 8.79
N ALA A 273 -20.47 17.96 9.46
CA ALA A 273 -21.48 18.72 8.75
C ALA A 273 -22.39 19.61 9.63
N TYR B 4 29.36 -10.60 -4.53
CA TYR B 4 28.19 -10.86 -5.39
C TYR B 4 26.90 -10.54 -4.64
N SER B 5 26.09 -9.65 -5.21
CA SER B 5 24.84 -9.20 -4.60
C SER B 5 23.67 -9.37 -5.56
N ILE B 6 22.47 -9.40 -4.99
CA ILE B 6 21.26 -9.84 -5.70
C ILE B 6 20.21 -8.71 -5.90
N ALA B 7 19.73 -8.58 -7.14
CA ALA B 7 18.93 -7.44 -7.54
C ALA B 7 17.48 -7.77 -7.85
N LEU B 8 16.60 -6.81 -7.60
CA LEU B 8 15.18 -7.00 -7.76
C LEU B 8 14.51 -5.69 -8.14
N ILE B 9 13.75 -5.73 -9.23
CA ILE B 9 13.08 -4.54 -9.72
C ILE B 9 11.57 -4.68 -9.50
N ILE B 10 11.10 -3.89 -8.53
CA ILE B 10 9.70 -3.78 -8.18
C ILE B 10 8.95 -2.99 -9.25
N PRO B 11 7.72 -3.43 -9.58
CA PRO B 11 6.87 -2.71 -10.53
C PRO B 11 6.00 -1.63 -9.89
N SER B 12 5.43 -1.91 -8.72
CA SER B 12 4.65 -0.93 -7.95
C SER B 12 4.93 -1.05 -6.46
N LEU B 13 4.75 0.06 -5.76
CA LEU B 13 4.86 0.10 -4.31
C LEU B 13 3.51 -0.26 -3.73
N PHE B 14 2.46 -0.02 -4.54
CA PHE B 14 1.06 -0.08 -4.13
C PHE B 14 0.40 -1.46 -4.26
N GLU B 15 1.20 -2.49 -4.59
CA GLU B 15 0.62 -3.79 -4.81
C GLU B 15 0.96 -4.83 -3.72
N LYS B 16 -0.08 -5.28 -3.02
CA LYS B 16 -0.01 -6.35 -2.00
C LYS B 16 1.11 -7.35 -2.30
N ALA B 17 1.09 -7.90 -3.51
CA ALA B 17 2.09 -8.86 -3.98
C ALA B 17 3.51 -8.40 -3.67
N CYS B 18 3.86 -7.15 -3.94
CA CYS B 18 5.19 -6.67 -3.59
C CYS B 18 5.25 -6.23 -2.15
N ALA B 19 4.26 -5.44 -1.72
CA ALA B 19 4.18 -5.00 -0.34
C ALA B 19 4.43 -6.13 0.66
N HIS B 20 3.76 -7.26 0.47
CA HIS B 20 3.87 -8.36 1.43
C HIS B 20 5.05 -9.29 1.11
N PHE B 21 5.44 -9.32 -0.15
CA PHE B 21 6.56 -10.13 -0.62
C PHE B 21 7.93 -9.64 -0.11
N LEU B 22 8.24 -8.38 -0.37
CA LEU B 22 9.55 -7.77 -0.02
C LEU B 22 10.23 -8.08 1.34
N PRO B 23 9.50 -7.96 2.47
CA PRO B 23 10.23 -8.04 3.73
C PRO B 23 10.65 -9.46 4.14
N SER B 24 9.98 -10.48 3.62
CA SER B 24 10.39 -11.84 3.91
C SER B 24 11.32 -12.33 2.81
N PHE B 25 11.31 -11.62 1.69
CA PHE B 25 12.29 -11.85 0.64
C PHE B 25 13.59 -11.20 1.05
N GLN B 26 13.52 -10.17 1.88
CA GLN B 26 14.72 -9.57 2.45
C GLN B 26 15.26 -10.50 3.52
N GLN B 27 14.42 -10.91 4.47
CA GLN B 27 14.86 -11.75 5.62
C GLN B 27 15.61 -12.99 5.16
N ALA B 28 14.93 -13.79 4.34
CA ALA B 28 15.45 -15.07 3.89
C ALA B 28 16.79 -14.90 3.20
N LEU B 29 16.82 -13.98 2.24
CA LEU B 29 18.03 -13.62 1.53
C LEU B 29 19.17 -13.18 2.49
N ASN B 30 18.78 -12.51 3.57
CA ASN B 30 19.73 -11.95 4.51
C ASN B 30 20.31 -12.97 5.43
N LYS B 31 19.54 -14.00 5.77
CA LYS B 31 20.04 -15.13 6.55
C LYS B 31 21.05 -15.92 5.74
N ALA B 32 20.88 -15.92 4.42
CA ALA B 32 21.83 -16.52 3.49
C ALA B 32 23.03 -15.59 3.27
N GLY B 33 22.84 -14.30 3.58
CA GLY B 33 23.94 -13.34 3.55
C GLY B 33 24.09 -12.56 2.26
N TYR B 34 22.97 -12.13 1.68
CA TYR B 34 22.99 -11.34 0.45
C TYR B 34 22.33 -9.99 0.65
N GLN B 35 23.05 -8.93 0.29
CA GLN B 35 22.49 -7.58 0.29
C GLN B 35 21.52 -7.48 -0.87
N LEU B 36 20.48 -6.66 -0.70
CA LEU B 36 19.40 -6.61 -1.69
C LEU B 36 19.28 -5.26 -2.41
N LEU B 37 19.87 -5.20 -3.60
CA LEU B 37 19.81 -4.02 -4.46
C LEU B 37 18.48 -4.02 -5.21
N LEU B 38 17.69 -2.94 -5.07
CA LEU B 38 16.39 -2.91 -5.75
C LEU B 38 16.14 -1.71 -6.65
N GLY B 39 14.92 -1.59 -7.16
CA GLY B 39 14.59 -0.58 -8.14
C GLY B 39 13.12 -0.49 -8.43
N TYR B 40 12.66 0.74 -8.64
CA TYR B 40 11.28 1.00 -8.91
C TYR B 40 11.10 1.33 -10.38
N SER B 41 10.14 0.67 -11.02
CA SER B 41 9.72 1.02 -12.38
C SER B 41 8.22 1.21 -12.38
N ASP B 42 7.78 2.45 -12.47
CA ASP B 42 6.37 2.76 -12.68
C ASP B 42 5.85 1.84 -13.78
N TYR B 43 5.52 0.61 -13.42
CA TYR B 43 5.12 -0.41 -14.40
C TYR B 43 5.77 -0.16 -15.77
N SER B 44 7.10 0.00 -15.80
CA SER B 44 7.79 0.38 -17.05
C SER B 44 8.83 -0.61 -17.52
N ILE B 45 8.54 -1.24 -18.65
CA ILE B 45 9.50 -2.13 -19.30
C ILE B 45 10.76 -1.36 -19.73
N GLU B 46 10.58 -0.08 -20.09
CA GLU B 46 11.67 0.77 -20.59
C GLU B 46 12.62 1.22 -19.47
N GLN B 47 12.05 1.69 -18.36
CA GLN B 47 12.83 2.12 -17.19
C GLN B 47 13.56 0.95 -16.57
N GLU B 48 12.87 -0.20 -16.54
CA GLU B 48 13.44 -1.49 -16.15
C GLU B 48 14.79 -1.76 -16.83
N GLU B 49 14.87 -1.48 -18.13
CA GLU B 49 16.11 -1.50 -18.89
C GLU B 49 17.14 -0.52 -18.32
N LYS B 50 16.89 0.78 -18.51
CA LYS B 50 17.77 1.83 -17.98
C LYS B 50 18.33 1.41 -16.61
N LEU B 51 17.44 0.97 -15.72
CA LEU B 51 17.80 0.50 -14.37
C LEU B 51 18.57 -0.82 -14.38
N LEU B 52 17.99 -1.89 -14.91
CA LEU B 52 18.62 -3.21 -14.88
C LEU B 52 20.06 -3.11 -15.34
N SER B 53 20.27 -2.37 -16.43
CA SER B 53 21.59 -2.20 -17.04
C SER B 53 22.61 -1.88 -15.97
N THR B 54 22.40 -0.78 -15.26
CA THR B 54 23.28 -0.33 -14.19
C THR B 54 23.59 -1.47 -13.22
N PHE B 55 22.53 -2.14 -12.74
CA PHE B 55 22.68 -3.23 -11.78
C PHE B 55 23.65 -4.28 -12.29
N LEU B 56 23.35 -4.81 -13.46
CA LEU B 56 24.18 -5.84 -14.08
C LEU B 56 25.63 -5.38 -14.21
N GLU B 57 25.83 -4.13 -14.64
CA GLU B 57 27.18 -3.57 -14.82
C GLU B 57 27.95 -3.39 -13.51
N SER B 58 27.33 -3.81 -12.40
CA SER B 58 27.86 -3.58 -11.06
C SER B 58 28.43 -4.84 -10.41
N ARG B 59 27.56 -5.80 -10.10
CA ARG B 59 27.93 -7.04 -9.42
C ARG B 59 27.00 -8.19 -9.85
N PRO B 60 27.58 -9.40 -9.98
CA PRO B 60 26.87 -10.56 -10.56
C PRO B 60 25.64 -11.03 -9.77
N ALA B 61 25.80 -12.12 -9.03
CA ALA B 61 24.72 -12.91 -8.43
C ALA B 61 23.59 -13.19 -9.42
N GLY B 62 22.35 -13.12 -8.94
CA GLY B 62 21.17 -13.26 -9.80
C GLY B 62 20.25 -12.07 -9.63
N VAL B 63 19.26 -11.97 -10.52
CA VAL B 63 18.29 -10.89 -10.46
C VAL B 63 16.86 -11.45 -10.55
N VAL B 64 15.93 -10.81 -9.86
CA VAL B 64 14.54 -11.29 -9.83
C VAL B 64 13.56 -10.20 -10.27
N LEU B 65 12.66 -10.59 -11.18
CA LEU B 65 11.78 -9.63 -11.86
C LEU B 65 10.31 -10.02 -11.84
N PHE B 66 9.46 -9.00 -11.75
CA PHE B 66 8.03 -9.19 -11.80
C PHE B 66 7.54 -9.12 -13.24
N GLY B 67 6.49 -9.88 -13.55
CA GLY B 67 5.87 -9.87 -14.87
C GLY B 67 6.66 -10.62 -15.92
N SER B 68 5.97 -11.07 -16.97
CA SER B 68 6.62 -11.79 -18.04
C SER B 68 7.04 -10.86 -19.17
N GLU B 69 6.27 -9.78 -19.36
CA GLU B 69 6.54 -8.82 -20.44
C GLU B 69 7.79 -8.02 -20.12
N HIS B 70 8.76 -8.04 -21.03
CA HIS B 70 10.06 -7.35 -20.85
C HIS B 70 10.64 -6.75 -22.14
N SER B 71 11.94 -6.53 -22.17
CA SER B 71 12.56 -5.71 -23.20
C SER B 71 13.70 -6.43 -23.93
N GLN B 72 13.79 -6.22 -25.24
CA GLN B 72 14.89 -6.78 -26.03
C GLN B 72 16.21 -6.65 -25.27
N ARG B 73 16.55 -5.42 -24.88
CA ARG B 73 17.79 -5.16 -24.16
C ARG B 73 17.89 -5.87 -22.81
N THR B 74 16.77 -6.01 -22.10
CA THR B 74 16.79 -6.79 -20.87
C THR B 74 17.02 -8.24 -21.24
N HIS B 75 16.16 -8.76 -22.11
CA HIS B 75 16.26 -10.14 -22.57
C HIS B 75 17.67 -10.44 -23.04
N GLN B 76 18.33 -9.45 -23.65
CA GLN B 76 19.74 -9.58 -24.01
C GLN B 76 20.57 -9.62 -22.74
N LEU B 77 20.82 -8.45 -22.15
CA LEU B 77 21.64 -8.32 -20.95
C LEU B 77 21.51 -9.52 -20.00
N LEU B 78 20.28 -9.76 -19.52
CA LEU B 78 20.01 -10.86 -18.58
C LEU B 78 20.58 -12.20 -19.07
N GLU B 79 20.10 -12.66 -20.22
CA GLU B 79 20.51 -13.95 -20.78
C GLU B 79 21.91 -13.90 -21.40
N ALA B 80 22.39 -12.69 -21.67
CA ALA B 80 23.77 -12.48 -22.13
C ALA B 80 24.71 -12.55 -20.94
N SER B 81 24.21 -12.18 -19.77
CA SER B 81 24.97 -12.21 -18.51
C SER B 81 25.11 -13.62 -17.92
N ASN B 82 24.40 -14.58 -18.50
CA ASN B 82 24.37 -15.97 -18.02
C ASN B 82 23.98 -16.13 -16.54
N THR B 83 23.78 -15.01 -15.86
CA THR B 83 23.30 -14.99 -14.47
C THR B 83 21.83 -15.40 -14.41
N PRO B 84 21.40 -15.96 -13.27
CA PRO B 84 20.05 -16.54 -13.11
C PRO B 84 18.95 -15.50 -12.87
N VAL B 85 17.74 -15.82 -13.35
CA VAL B 85 16.57 -14.91 -13.32
C VAL B 85 15.30 -15.57 -12.76
N LEU B 86 14.61 -14.85 -11.87
CA LEU B 86 13.31 -15.31 -11.34
C LEU B 86 12.16 -14.34 -11.65
N GLU B 87 11.29 -14.73 -12.57
CA GLU B 87 10.09 -13.96 -12.83
C GLU B 87 9.05 -14.28 -11.76
N ILE B 88 8.51 -13.25 -11.11
CA ILE B 88 7.31 -13.44 -10.32
C ILE B 88 6.19 -13.26 -11.33
N ALA B 89 5.79 -14.38 -11.90
CA ALA B 89 4.90 -14.41 -13.04
C ALA B 89 4.33 -15.83 -13.21
N GLU B 90 3.20 -15.93 -13.93
CA GLU B 90 2.45 -17.19 -14.09
C GLU B 90 3.14 -18.06 -15.12
N LEU B 91 3.34 -17.48 -16.29
CA LEU B 91 4.14 -18.08 -17.34
C LEU B 91 5.45 -17.31 -17.39
N SER B 92 6.50 -17.93 -17.92
CA SER B 92 7.83 -17.33 -17.94
C SER B 92 8.41 -17.19 -19.34
N SER B 93 8.78 -15.95 -19.70
CA SER B 93 9.44 -15.67 -20.98
C SER B 93 10.80 -16.38 -21.02
N LYS B 94 11.45 -16.34 -22.19
CA LYS B 94 12.75 -17.01 -22.41
C LYS B 94 12.92 -18.29 -21.57
N ALA B 95 12.61 -19.43 -22.21
CA ALA B 95 12.47 -20.76 -21.58
C ALA B 95 13.24 -21.02 -20.28
N SER B 96 14.54 -20.72 -20.29
CA SER B 96 15.43 -21.01 -19.17
C SER B 96 15.41 -19.91 -18.09
N TYR B 97 14.21 -19.46 -17.74
CA TYR B 97 13.98 -18.53 -16.64
C TYR B 97 13.32 -19.30 -15.50
N LEU B 98 13.88 -19.16 -14.28
CA LEU B 98 13.27 -19.74 -13.06
C LEU B 98 12.08 -18.87 -12.70
N ASN B 99 11.03 -19.45 -12.12
CA ASN B 99 9.78 -18.68 -11.94
C ASN B 99 8.80 -19.13 -10.85
N ILE B 100 7.85 -18.24 -10.54
CA ILE B 100 6.92 -18.39 -9.43
C ILE B 100 5.80 -17.34 -9.61
N GLY B 101 4.55 -17.76 -9.43
CA GLY B 101 3.41 -16.86 -9.56
C GLY B 101 2.12 -17.62 -9.33
N VAL B 102 1.04 -16.92 -9.02
CA VAL B 102 -0.21 -17.61 -8.82
C VAL B 102 -0.92 -17.70 -10.17
N ASP B 103 -1.90 -18.58 -10.25
CA ASP B 103 -2.74 -18.68 -11.41
C ASP B 103 -4.02 -17.92 -11.10
N HIS B 104 -4.12 -16.73 -11.65
CA HIS B 104 -5.23 -15.84 -11.35
C HIS B 104 -6.53 -16.32 -11.95
N PHE B 105 -6.42 -17.07 -13.05
CA PHE B 105 -7.58 -17.60 -13.73
C PHE B 105 -8.40 -18.46 -12.78
N GLU B 106 -7.74 -19.41 -12.11
CA GLU B 106 -8.43 -20.28 -11.17
C GLU B 106 -9.08 -19.41 -10.11
N VAL B 107 -8.34 -18.41 -9.65
CA VAL B 107 -8.87 -17.54 -8.64
C VAL B 107 -10.18 -16.93 -9.11
N GLY B 108 -10.20 -16.34 -10.30
CA GLY B 108 -11.44 -15.76 -10.83
C GLY B 108 -12.52 -16.82 -10.84
N LYS B 109 -12.31 -17.84 -11.66
CA LYS B 109 -13.22 -18.98 -11.72
C LYS B 109 -13.70 -19.44 -10.34
N ALA B 110 -12.79 -19.69 -9.40
CA ALA B 110 -13.22 -20.39 -8.19
C ALA B 110 -14.09 -19.46 -7.38
N CYS B 111 -13.63 -18.21 -7.28
CA CYS B 111 -14.43 -17.17 -6.71
C CYS B 111 -15.74 -17.03 -7.41
N THR B 112 -15.76 -17.25 -8.72
CA THR B 112 -17.04 -17.00 -9.30
C THR B 112 -17.98 -18.19 -9.28
N ARG B 113 -17.45 -19.42 -9.24
CA ARG B 113 -18.34 -20.58 -9.02
C ARG B 113 -18.99 -20.42 -7.64
N HIS B 114 -18.25 -19.81 -6.72
CA HIS B 114 -18.77 -19.67 -5.38
C HIS B 114 -20.12 -18.94 -5.40
N LEU B 115 -20.12 -17.69 -5.87
CA LEU B 115 -21.36 -16.92 -6.08
C LEU B 115 -22.47 -17.77 -6.75
N ILE B 116 -22.12 -18.45 -7.82
CA ILE B 116 -23.06 -19.32 -8.46
C ILE B 116 -23.49 -20.49 -7.57
N GLU B 117 -22.56 -21.27 -7.02
CA GLU B 117 -22.99 -22.38 -6.14
C GLU B 117 -23.85 -21.81 -5.02
N GLN B 118 -23.56 -20.58 -4.66
CA GLN B 118 -24.26 -19.89 -3.59
C GLN B 118 -25.64 -19.39 -3.97
N GLY B 119 -25.96 -19.38 -5.24
CA GLY B 119 -27.26 -18.88 -5.66
C GLY B 119 -27.26 -17.50 -6.28
N PHE B 120 -26.15 -16.78 -6.24
CA PHE B 120 -26.07 -15.43 -6.83
C PHE B 120 -25.68 -15.53 -8.31
N LYS B 121 -26.68 -15.64 -9.15
CA LYS B 121 -26.40 -15.97 -10.53
C LYS B 121 -26.22 -14.76 -11.50
N ASN B 122 -26.29 -13.52 -11.02
CA ASN B 122 -26.00 -12.50 -12.02
C ASN B 122 -25.01 -11.44 -11.69
N VAL B 123 -23.78 -11.86 -11.92
CA VAL B 123 -22.60 -11.29 -11.35
C VAL B 123 -22.05 -10.28 -12.29
N GLY B 124 -21.65 -9.14 -11.74
CA GLY B 124 -20.88 -8.18 -12.49
C GLY B 124 -19.44 -8.31 -12.05
N PHE B 125 -18.56 -7.70 -12.83
CA PHE B 125 -17.13 -7.71 -12.51
C PHE B 125 -16.57 -6.30 -12.57
N ILE B 126 -15.80 -5.93 -11.57
CA ILE B 126 -15.09 -4.68 -11.69
C ILE B 126 -13.63 -4.95 -11.41
N GLY B 127 -12.76 -4.57 -12.34
CA GLY B 127 -11.31 -4.68 -12.10
C GLY B 127 -10.44 -3.56 -12.66
N ALA B 128 -9.21 -3.46 -12.18
CA ALA B 128 -8.31 -2.45 -12.74
C ALA B 128 -6.91 -2.90 -13.08
N ARG B 129 -6.11 -1.93 -13.49
CA ARG B 129 -4.84 -2.14 -14.24
C ARG B 129 -5.03 -3.30 -15.21
N GLY B 130 -6.06 -3.15 -16.04
CA GLY B 130 -6.52 -4.17 -16.97
C GLY B 130 -5.91 -4.09 -18.34
N ASN B 131 -4.78 -3.39 -18.42
CA ASN B 131 -3.91 -3.45 -19.59
C ASN B 131 -2.69 -4.28 -19.17
N HIS B 132 -2.51 -4.45 -17.86
CA HIS B 132 -1.58 -5.45 -17.30
C HIS B 132 -2.24 -6.83 -17.33
N SER B 133 -1.45 -7.89 -17.49
CA SER B 133 -1.98 -9.21 -17.84
C SER B 133 -2.78 -9.92 -16.74
N THR B 134 -2.41 -9.74 -15.48
CA THR B 134 -3.17 -10.34 -14.38
C THR B 134 -4.67 -10.06 -14.44
N LEU B 135 -5.05 -8.83 -14.70
CA LEU B 135 -6.47 -8.60 -14.71
C LEU B 135 -7.14 -9.49 -15.77
N GLN B 136 -6.54 -9.59 -16.97
CA GLN B 136 -7.16 -10.32 -18.09
C GLN B 136 -7.39 -11.80 -17.76
N ARG B 137 -6.48 -12.38 -17.00
CA ARG B 137 -6.60 -13.73 -16.52
C ARG B 137 -7.70 -13.89 -15.49
N GLN B 138 -7.99 -12.86 -14.72
CA GLN B 138 -9.09 -12.90 -13.75
C GLN B 138 -10.44 -12.71 -14.44
N LEU B 139 -10.50 -11.79 -15.41
CA LEU B 139 -11.70 -11.52 -16.20
C LEU B 139 -12.11 -12.80 -16.84
N HIS B 140 -11.15 -13.40 -17.52
CA HIS B 140 -11.35 -14.63 -18.23
C HIS B 140 -11.81 -15.70 -17.26
N GLY B 141 -11.18 -15.73 -16.09
CA GLY B 141 -11.56 -16.71 -15.10
C GLY B 141 -13.03 -16.55 -14.84
N TRP B 142 -13.45 -15.30 -14.75
CA TRP B 142 -14.82 -15.02 -14.37
C TRP B 142 -15.76 -15.38 -15.50
N GLN B 143 -15.34 -15.11 -16.72
CA GLN B 143 -16.19 -15.31 -17.90
C GLN B 143 -16.39 -16.77 -18.15
N SER B 144 -15.36 -17.54 -17.88
CA SER B 144 -15.46 -18.99 -17.94
C SER B 144 -16.59 -19.45 -17.02
N ALA B 145 -16.41 -19.23 -15.73
CA ALA B 145 -17.41 -19.61 -14.73
C ALA B 145 -18.87 -19.28 -15.16
N MSE B 146 -19.08 -18.09 -15.75
CA MSE B 146 -20.41 -17.69 -16.21
C MSE B 146 -20.89 -18.56 -17.38
O MSE B 146 -21.88 -19.29 -17.28
CB MSE B 146 -20.42 -16.24 -16.66
CG MSE B 146 -20.00 -15.27 -15.63
SE MSE B 146 -21.21 -15.18 -14.10
CE MSE B 146 -22.72 -14.21 -14.87
N ILE B 147 -20.15 -18.49 -18.48
CA ILE B 147 -20.49 -19.24 -19.69
C ILE B 147 -20.77 -20.72 -19.40
N GLU B 148 -19.83 -21.39 -18.71
CA GLU B 148 -19.96 -22.79 -18.27
C GLU B 148 -21.33 -23.06 -17.63
N ASN B 149 -21.92 -22.05 -16.99
CA ASN B 149 -23.28 -22.18 -16.45
C ASN B 149 -24.44 -21.56 -17.28
N TYR B 150 -24.23 -21.30 -18.58
CA TYR B 150 -25.20 -20.56 -19.44
C TYR B 150 -25.54 -19.18 -18.93
N LEU B 151 -24.66 -18.60 -18.15
CA LEU B 151 -24.91 -17.27 -17.68
C LEU B 151 -24.21 -16.36 -18.67
N THR B 152 -24.78 -15.19 -18.94
CA THR B 152 -24.26 -14.40 -20.05
C THR B 152 -23.46 -13.28 -19.43
N PRO B 153 -22.12 -13.30 -19.68
CA PRO B 153 -20.97 -12.75 -18.98
C PRO B 153 -20.43 -11.41 -19.50
N ASP B 154 -21.32 -10.46 -19.77
CA ASP B 154 -20.88 -9.23 -20.39
C ASP B 154 -21.23 -8.04 -19.55
N HIS B 155 -21.13 -8.18 -18.24
CA HIS B 155 -21.38 -7.06 -17.34
C HIS B 155 -20.16 -6.83 -16.51
N PHE B 156 -19.17 -6.28 -17.19
CA PHE B 156 -17.90 -6.00 -16.56
C PHE B 156 -17.40 -4.58 -16.86
N LEU B 157 -16.59 -4.05 -15.93
CA LEU B 157 -15.88 -2.80 -16.14
C LEU B 157 -14.42 -2.96 -15.83
N THR B 158 -13.55 -2.53 -16.74
CA THR B 158 -12.12 -2.48 -16.40
C THR B 158 -11.47 -1.13 -16.69
N THR B 159 -10.44 -0.75 -15.94
CA THR B 159 -9.65 0.42 -16.35
C THR B 159 -8.19 0.09 -16.41
N HIS B 160 -7.47 0.86 -17.21
CA HIS B 160 -6.02 0.78 -17.24
C HIS B 160 -5.48 1.40 -15.95
N GLU B 161 -6.29 2.23 -15.31
CA GLU B 161 -5.93 2.87 -14.05
C GLU B 161 -5.74 1.93 -12.86
N ALA B 162 -5.34 2.51 -11.73
CA ALA B 162 -5.06 1.75 -10.51
C ALA B 162 -6.33 1.59 -9.68
N PRO B 163 -6.40 0.52 -8.86
CA PRO B 163 -7.59 0.16 -8.10
C PRO B 163 -7.85 1.22 -7.06
N SER B 164 -9.12 1.52 -6.82
CA SER B 164 -9.48 2.62 -5.97
C SER B 164 -10.89 2.33 -5.51
N SER B 165 -11.27 2.90 -4.37
CA SER B 165 -12.62 2.65 -3.95
C SER B 165 -13.57 3.51 -4.74
N GLN B 166 -13.09 4.64 -5.31
CA GLN B 166 -13.96 5.44 -6.19
C GLN B 166 -14.38 4.56 -7.36
N LEU B 167 -13.44 3.78 -7.83
CA LEU B 167 -13.75 2.91 -8.92
C LEU B 167 -14.86 1.91 -8.55
N GLY B 168 -14.83 1.34 -7.33
CA GLY B 168 -15.84 0.35 -6.90
C GLY B 168 -17.21 0.97 -6.69
N ALA B 169 -17.25 2.15 -6.11
CA ALA B 169 -18.49 2.94 -6.04
C ALA B 169 -19.04 3.10 -7.45
N GLU B 170 -18.31 3.82 -8.27
CA GLU B 170 -18.86 4.19 -9.54
C GLU B 170 -19.05 2.95 -10.34
N GLY B 171 -18.15 1.99 -10.15
CA GLY B 171 -18.29 0.68 -10.79
C GLY B 171 -19.68 0.14 -10.53
N LEU B 172 -20.03 0.04 -9.25
CA LEU B 172 -21.34 -0.45 -8.89
C LEU B 172 -22.39 0.38 -9.59
N ALA B 173 -22.28 1.69 -9.45
CA ALA B 173 -23.25 2.59 -10.11
C ALA B 173 -23.51 2.20 -11.56
N LYS B 174 -22.46 2.20 -12.37
CA LYS B 174 -22.64 2.05 -13.80
C LYS B 174 -23.22 0.68 -14.17
N LEU B 175 -22.83 -0.35 -13.43
CA LEU B 175 -23.42 -1.66 -13.61
C LEU B 175 -24.92 -1.65 -13.30
N LEU B 176 -25.28 -1.13 -12.14
CA LEU B 176 -26.69 -0.89 -11.81
C LEU B 176 -27.43 -0.20 -12.91
N LEU B 177 -26.75 0.68 -13.65
CA LEU B 177 -27.46 1.52 -14.60
C LEU B 177 -27.53 0.80 -15.93
N ARG B 178 -26.50 -0.02 -16.18
CA ARG B 178 -26.50 -0.95 -17.28
C ARG B 178 -27.73 -1.84 -17.07
N ASP B 179 -27.89 -2.40 -15.86
CA ASP B 179 -28.87 -3.46 -15.63
C ASP B 179 -29.12 -3.72 -14.15
N SER B 180 -30.32 -3.41 -13.66
CA SER B 180 -30.62 -3.49 -12.21
C SER B 180 -30.75 -4.91 -11.69
N SER B 181 -31.09 -5.86 -12.52
CA SER B 181 -31.22 -7.19 -11.97
C SER B 181 -29.91 -7.65 -11.29
N LEU B 182 -28.78 -7.01 -11.63
CA LEU B 182 -27.46 -7.31 -11.05
C LEU B 182 -27.61 -7.69 -9.61
N ASN B 183 -26.91 -8.72 -9.15
CA ASN B 183 -27.05 -9.15 -7.76
C ASN B 183 -25.82 -9.77 -7.08
N ALA B 184 -24.68 -9.72 -7.74
CA ALA B 184 -23.39 -9.92 -7.07
C ALA B 184 -22.23 -9.20 -7.81
N LEU B 185 -21.10 -9.03 -7.12
CA LEU B 185 -19.96 -8.41 -7.73
C LEU B 185 -18.67 -9.18 -7.52
N VAL B 186 -17.85 -9.31 -8.56
CA VAL B 186 -16.49 -9.80 -8.36
C VAL B 186 -15.58 -8.61 -8.51
N CYS B 187 -14.81 -8.29 -7.49
CA CYS B 187 -13.87 -7.21 -7.58
C CYS B 187 -12.45 -7.70 -7.70
N SER B 188 -11.72 -7.14 -8.65
CA SER B 188 -10.36 -7.55 -8.85
C SER B 188 -9.46 -7.28 -7.63
N HIS B 189 -9.83 -6.27 -6.85
CA HIS B 189 -8.96 -5.70 -5.83
C HIS B 189 -9.75 -5.31 -4.61
N GLU B 190 -9.06 -5.24 -3.48
CA GLU B 190 -9.73 -4.99 -2.23
C GLU B 190 -10.24 -3.57 -2.09
N GLU B 191 -9.48 -2.59 -2.60
CA GLU B 191 -9.98 -1.17 -2.67
C GLU B 191 -11.31 -1.09 -3.42
N ILE B 192 -11.38 -1.80 -4.53
CA ILE B 192 -12.56 -1.84 -5.35
C ILE B 192 -13.78 -2.36 -4.57
N ALA B 193 -13.60 -3.47 -3.90
CA ALA B 193 -14.67 -4.13 -3.20
C ALA B 193 -15.12 -3.25 -2.07
N ILE B 194 -14.23 -2.44 -1.54
CA ILE B 194 -14.58 -1.58 -0.43
C ILE B 194 -15.45 -0.44 -0.96
N GLY B 195 -15.02 0.16 -2.06
CA GLY B 195 -15.82 1.19 -2.69
C GLY B 195 -17.21 0.62 -2.84
N ALA B 196 -17.29 -0.59 -3.38
CA ALA B 196 -18.58 -1.19 -3.72
C ALA B 196 -19.44 -1.33 -2.47
N LEU B 197 -18.87 -1.95 -1.43
CA LEU B 197 -19.57 -2.22 -0.15
C LEU B 197 -20.17 -0.94 0.41
N PHE B 198 -19.31 0.05 0.59
CA PHE B 198 -19.72 1.36 1.03
C PHE B 198 -20.82 1.92 0.14
N GLU B 199 -20.77 1.69 -1.17
CA GLU B 199 -21.77 2.28 -2.08
C GLU B 199 -23.11 1.54 -1.95
N CYS B 200 -23.05 0.24 -1.65
CA CYS B 200 -24.24 -0.52 -1.36
C CYS B 200 -24.92 0.14 -0.18
N HIS B 201 -24.15 0.35 0.89
CA HIS B 201 -24.67 1.13 2.00
C HIS B 201 -25.32 2.46 1.58
N ARG B 202 -24.70 3.20 0.67
CA ARG B 202 -25.26 4.51 0.28
C ARG B 202 -26.64 4.35 -0.37
N ARG B 203 -26.78 3.30 -1.19
CA ARG B 203 -27.91 3.13 -2.05
C ARG B 203 -28.90 2.24 -1.35
N VAL B 204 -28.55 1.88 -0.12
CA VAL B 204 -29.35 0.98 0.70
C VAL B 204 -29.61 -0.33 0.00
N LEU B 205 -28.66 -0.83 -0.78
CA LEU B 205 -28.68 -2.27 -1.17
C LEU B 205 -28.05 -3.15 -0.08
N LYS B 206 -28.87 -3.85 0.70
CA LYS B 206 -28.39 -4.91 1.59
C LYS B 206 -27.28 -5.83 1.00
N VAL B 207 -26.32 -6.18 1.84
CA VAL B 207 -25.26 -7.10 1.46
C VAL B 207 -25.27 -8.33 2.39
N PRO B 208 -25.47 -9.56 1.86
CA PRO B 208 -25.55 -10.01 0.47
C PRO B 208 -26.93 -10.20 -0.13
N THR B 209 -28.01 -9.92 0.59
CA THR B 209 -29.30 -10.33 0.04
C THR B 209 -29.82 -9.45 -1.11
N ASP B 210 -29.17 -8.33 -1.42
CA ASP B 210 -29.50 -7.60 -2.67
C ASP B 210 -28.32 -7.68 -3.57
N ILE B 211 -27.15 -7.44 -3.04
CA ILE B 211 -25.95 -7.66 -3.77
C ILE B 211 -24.97 -8.48 -2.89
N ALA B 212 -24.44 -9.54 -3.47
CA ALA B 212 -23.36 -10.27 -2.83
C ALA B 212 -22.02 -9.75 -3.34
N ILE B 213 -20.96 -9.79 -2.54
CA ILE B 213 -19.69 -9.24 -3.01
C ILE B 213 -18.54 -10.22 -2.78
N ILE B 214 -17.61 -10.29 -3.72
CA ILE B 214 -16.45 -11.15 -3.47
C ILE B 214 -15.17 -10.55 -4.01
N CYS B 215 -14.13 -10.48 -3.18
CA CYS B 215 -12.91 -9.75 -3.57
C CYS B 215 -11.88 -10.73 -4.01
N LEU B 216 -11.10 -10.38 -5.01
CA LEU B 216 -10.18 -11.37 -5.61
C LEU B 216 -8.79 -11.40 -4.94
N GLU B 217 -8.57 -10.49 -3.99
CA GLU B 217 -7.27 -10.35 -3.33
C GLU B 217 -7.47 -9.59 -2.05
N GLY B 218 -8.11 -10.24 -1.08
CA GLY B 218 -8.39 -9.62 0.22
C GLY B 218 -7.22 -9.63 1.19
N SER B 219 -7.32 -8.77 2.17
CA SER B 219 -6.36 -8.71 3.25
C SER B 219 -7.22 -8.57 4.50
N SER B 220 -6.59 -8.41 5.65
CA SER B 220 -7.34 -8.16 6.87
C SER B 220 -8.21 -6.93 6.74
N MSE B 221 -7.89 -6.08 5.76
CA MSE B 221 -8.63 -4.83 5.55
C MSE B 221 -10.07 -5.12 5.31
O MSE B 221 -10.94 -4.62 5.99
CB MSE B 221 -8.04 -4.04 4.39
CG MSE B 221 -9.00 -3.21 3.61
SE MSE B 221 -9.44 -1.45 4.33
CE MSE B 221 -7.63 -0.67 4.50
N GLY B 222 -10.31 -6.01 4.35
CA GLY B 222 -11.62 -6.40 3.92
C GLY B 222 -12.20 -7.35 4.91
N GLU B 223 -11.37 -8.18 5.54
CA GLU B 223 -11.83 -9.11 6.58
C GLU B 223 -12.63 -8.42 7.68
N HIS B 224 -12.32 -7.15 7.93
CA HIS B 224 -12.92 -6.48 9.04
C HIS B 224 -13.76 -5.30 8.60
N ALA B 225 -14.29 -5.37 7.38
CA ALA B 225 -15.33 -4.46 6.92
C ALA B 225 -16.70 -4.95 7.45
N TYR B 226 -17.79 -4.28 7.12
CA TYR B 226 -19.12 -4.74 7.52
C TYR B 226 -20.16 -4.56 6.42
N PRO B 227 -20.86 -5.65 6.05
CA PRO B 227 -20.62 -7.02 6.44
C PRO B 227 -19.22 -7.38 5.95
N SER B 228 -18.50 -8.24 6.66
CA SER B 228 -17.14 -8.60 6.29
C SER B 228 -17.21 -9.29 4.96
N LEU B 229 -16.15 -9.25 4.17
CA LEU B 229 -16.34 -9.82 2.85
C LEU B 229 -15.55 -11.02 2.43
N THR B 230 -16.28 -11.96 1.86
CA THR B 230 -15.73 -13.15 1.25
C THR B 230 -14.65 -12.77 0.26
N SER B 231 -13.45 -13.27 0.45
CA SER B 231 -12.42 -13.00 -0.49
C SER B 231 -11.35 -14.08 -0.54
N ALA B 232 -10.53 -13.96 -1.57
CA ALA B 232 -9.46 -14.88 -1.83
C ALA B 232 -8.21 -14.30 -1.24
N GLU B 233 -7.43 -15.13 -0.54
CA GLU B 233 -6.22 -14.63 0.09
C GLU B 233 -5.02 -15.38 -0.41
N PHE B 234 -3.85 -14.77 -0.31
CA PHE B 234 -2.62 -15.37 -0.77
C PHE B 234 -1.57 -15.13 0.29
N ASP B 235 -0.48 -15.87 0.26
CA ASP B 235 0.52 -15.76 1.28
C ASP B 235 1.78 -15.26 0.61
N TYR B 236 1.84 -13.97 0.36
CA TYR B 236 2.99 -13.44 -0.33
C TYR B 236 4.21 -13.45 0.58
N GLU B 237 4.02 -13.34 1.89
CA GLU B 237 5.16 -13.55 2.79
C GLU B 237 5.86 -14.89 2.49
N ARG B 238 5.11 -16.00 2.37
CA ARG B 238 5.73 -17.31 2.03
C ARG B 238 6.40 -17.33 0.65
N MSE B 239 5.71 -16.79 -0.34
CA MSE B 239 6.27 -16.56 -1.66
C MSE B 239 7.59 -15.81 -1.56
O MSE B 239 8.55 -16.14 -2.23
CB MSE B 239 5.29 -15.78 -2.50
CG MSE B 239 5.74 -15.45 -3.90
SE MSE B 239 4.14 -14.99 -4.89
CE MSE B 239 4.61 -13.16 -5.42
N GLY B 240 7.61 -14.79 -0.70
CA GLY B 240 8.85 -14.12 -0.34
C GLY B 240 9.96 -15.12 -0.02
N THR B 241 9.79 -15.92 1.03
CA THR B 241 10.81 -16.92 1.36
C THR B 241 11.03 -17.93 0.24
N LYS B 242 9.95 -18.37 -0.40
CA LYS B 242 10.07 -19.41 -1.42
C LYS B 242 10.80 -18.93 -2.66
N ALA B 243 10.54 -17.69 -3.06
CA ALA B 243 11.28 -17.07 -4.13
C ALA B 243 12.76 -17.08 -3.77
N ALA B 244 13.09 -16.49 -2.64
CA ALA B 244 14.46 -16.47 -2.16
C ALA B 244 15.10 -17.86 -2.19
N GLU B 245 14.38 -18.86 -1.65
CA GLU B 245 14.89 -20.21 -1.60
C GLU B 245 15.23 -20.72 -2.99
N LYS B 246 14.28 -20.59 -3.92
CA LYS B 246 14.46 -21.05 -5.30
C LYS B 246 15.71 -20.45 -5.94
N LEU B 247 15.93 -19.16 -5.71
CA LEU B 247 17.12 -18.49 -6.23
C LEU B 247 18.40 -18.89 -5.48
N LEU B 248 18.39 -18.86 -4.15
CA LEU B 248 19.53 -19.32 -3.37
C LEU B 248 19.93 -20.72 -3.86
N HIS B 249 18.96 -21.64 -3.96
CA HIS B 249 19.20 -23.01 -4.45
C HIS B 249 19.68 -23.07 -5.90
N ALA B 250 19.52 -21.96 -6.62
CA ALA B 250 20.02 -21.83 -7.98
C ALA B 250 21.53 -21.62 -7.99
N ILE B 251 21.99 -20.55 -7.34
CA ILE B 251 23.45 -20.29 -7.22
C ILE B 251 24.16 -21.41 -6.46
N LYS B 252 23.51 -21.94 -5.43
CA LYS B 252 24.06 -23.02 -4.62
C LYS B 252 23.93 -24.36 -5.32
N GLU B 254 22.87 -27.92 -7.39
CA GLU B 254 22.26 -26.75 -8.02
C GLU B 254 21.02 -27.12 -8.82
N PRO B 255 20.38 -28.27 -8.51
CA PRO B 255 19.09 -28.67 -9.11
C PRO B 255 18.04 -27.56 -8.97
N GLU B 256 17.06 -27.53 -9.88
CA GLU B 256 16.26 -26.31 -10.12
C GLU B 256 14.75 -26.32 -9.85
N GLU B 257 14.24 -27.41 -9.29
CA GLU B 257 12.82 -27.47 -8.95
C GLU B 257 12.56 -28.29 -7.70
N PRO B 259 8.42 -27.95 -10.64
CA PRO B 259 7.14 -27.26 -10.57
C PRO B 259 6.95 -26.49 -9.24
N THR B 260 5.95 -25.61 -9.18
CA THR B 260 5.75 -24.71 -8.03
C THR B 260 4.29 -24.25 -7.88
N SER B 261 3.39 -25.17 -7.57
CA SER B 261 1.92 -24.85 -7.57
C SER B 261 1.41 -24.15 -6.30
N MSE B 262 1.73 -22.87 -6.15
CA MSE B 262 1.34 -22.16 -4.93
CA MSE B 262 1.37 -22.12 -4.95
C MSE B 262 0.07 -21.32 -5.12
O MSE B 262 0.04 -20.36 -5.88
CB MSE B 262 2.51 -21.33 -4.34
CB MSE B 262 2.51 -21.16 -4.60
CG MSE B 262 3.74 -22.15 -3.92
CG MSE B 262 2.73 -20.93 -3.13
SE MSE B 262 3.42 -23.58 -2.59
SE MSE B 262 3.87 -19.38 -2.95
CE MSE B 262 5.21 -24.40 -2.53
CE MSE B 262 2.55 -17.99 -3.43
N GLY B 263 -0.98 -21.72 -4.41
CA GLY B 263 -2.32 -21.18 -4.58
C GLY B 263 -2.84 -20.16 -3.58
N PHE B 264 -4.05 -20.40 -3.08
CA PHE B 264 -4.82 -19.39 -2.36
C PHE B 264 -5.90 -20.02 -1.49
N LYS B 265 -6.42 -19.28 -0.51
CA LYS B 265 -7.53 -19.80 0.26
C LYS B 265 -8.70 -18.87 0.01
N LEU B 266 -9.90 -19.44 -0.14
CA LEU B 266 -11.15 -18.71 -0.17
C LEU B 266 -11.83 -18.61 1.21
N LYS B 267 -11.49 -17.57 1.96
CA LYS B 267 -12.23 -17.12 3.17
C LYS B 267 -13.70 -16.73 2.89
N ARG B 268 -14.63 -17.64 3.22
CA ARG B 268 -16.05 -17.38 3.05
C ARG B 268 -16.52 -16.55 4.22
N ARG B 269 -17.01 -15.33 3.97
CA ARG B 269 -17.53 -14.47 5.05
C ARG B 269 -18.93 -13.95 4.72
N ALA B 270 -19.34 -12.83 5.34
CA ALA B 270 -20.74 -12.40 5.20
C ALA B 270 -21.15 -12.15 3.77
N SER B 271 -20.34 -11.41 3.01
CA SER B 271 -20.83 -10.83 1.77
C SER B 271 -21.20 -11.86 0.70
N THR B 272 -21.02 -13.16 1.00
CA THR B 272 -21.58 -14.20 0.13
C THR B 272 -22.41 -15.21 0.84
N ALA B 273 -22.88 -14.88 2.04
CA ALA B 273 -23.49 -15.91 2.90
C ALA B 273 -24.96 -16.09 2.57
N ILE B 274 -25.54 -17.18 3.06
CA ILE B 274 -26.96 -17.43 2.83
C ILE B 274 -27.55 -18.13 4.04
N ASN B 275 -28.61 -17.52 4.60
CA ASN B 275 -29.27 -18.07 5.80
C ASN B 275 -30.75 -18.43 5.57
#